data_5QIY
#
_entry.id   5QIY
#
_cell.length_a   47.093
_cell.length_b   58.167
_cell.length_c   49.453
_cell.angle_alpha   90.000
_cell.angle_beta   115.900
_cell.angle_gamma   90.000
#
_symmetry.space_group_name_H-M   'P 1 21 1'
#
loop_
_entity.id
_entity.type
_entity.pdbx_description
1 polymer 'Ubiquitin thioesterase OTUB2'
2 non-polymer "N'-acetyl-2-chlorobenzohydrazide"
3 non-polymer 'UNKNOWN LIGAND'
4 water water
#
_entity_poly.entity_id   1
_entity_poly.type   'polypeptide(L)'
_entity_poly.pdbx_seq_one_letter_code
;FNLISEKCDILSILRDHPENRIYRRKIEELSKRFTAIRKTKGDRNCFYRALGYSYLESLLGKSREIFKFKERVLQTPNDL
LAAGFEEHKFRNFFNAFYSVVELVEKDGSVSSLLKVFNDQSASDHIVQFLRLLTSAFIRNRADFFRHFIDEEMDIKDFCT
HEVEPMATECDHIQITALSQALSIALQVEYVDEMDTALNHHVFPEAATPSVYLLYKTSHYNILYA
;
_entity_poly.pdbx_strand_id   A
#
# COMPACT_ATOMS: atom_id res chain seq x y z
N PHE A 1 10.10 11.97 10.82
CA PHE A 1 9.05 10.91 10.71
C PHE A 1 7.70 11.58 10.41
N ASN A 2 7.75 12.50 9.29
CA ASN A 2 6.53 13.19 8.94
C ASN A 2 5.69 12.43 7.90
N LEU A 3 6.21 11.37 7.26
CA LEU A 3 5.40 10.61 6.29
C LEU A 3 4.93 9.27 6.86
N ILE A 4 5.81 8.54 7.57
CA ILE A 4 5.51 7.30 8.26
C ILE A 4 6.13 7.37 9.66
N SER A 5 5.30 7.23 10.69
CA SER A 5 5.71 7.45 12.08
C SER A 5 6.51 6.27 12.63
N GLU A 6 7.18 6.55 13.79
CA GLU A 6 7.61 5.54 14.75
C GLU A 6 6.43 4.64 15.19
N LYS A 7 6.75 3.43 15.68
CA LYS A 7 5.75 2.51 16.18
C LYS A 7 5.17 3.02 17.50
N CYS A 8 3.85 3.00 17.64
CA CYS A 8 3.11 3.40 18.87
C CYS A 8 2.21 2.25 19.36
N ASP A 9 1.90 2.22 20.67
CA ASP A 9 0.92 1.28 21.21
C ASP A 9 -0.43 1.55 20.55
N ILE A 10 -1.21 0.50 20.21
CA ILE A 10 -2.48 0.66 19.46
C ILE A 10 -3.43 1.64 20.15
N LEU A 11 -3.51 1.65 21.50
CA LEU A 11 -4.52 2.51 22.14
C LEU A 11 -4.13 3.99 22.11
N SER A 12 -2.91 4.31 21.64
CA SER A 12 -2.48 5.73 21.52
C SER A 12 -3.33 6.51 20.51
N ILE A 13 -4.11 5.81 19.65
CA ILE A 13 -4.97 6.52 18.69
C ILE A 13 -6.35 6.83 19.26
N LEU A 14 -6.65 6.43 20.51
CA LEU A 14 -7.90 6.92 21.14
C LEU A 14 -7.91 8.46 21.18
N ARG A 15 -6.74 9.09 21.36
CA ARG A 15 -6.60 10.56 21.45
C ARG A 15 -7.02 11.27 20.16
N ASP A 16 -7.19 10.53 19.04
CA ASP A 16 -7.53 11.17 17.75
C ASP A 16 -9.04 11.35 17.62
N HIS A 17 -9.83 10.61 18.41
CA HIS A 17 -11.28 10.85 18.43
C HIS A 17 -11.77 10.78 19.88
N PRO A 18 -11.36 11.76 20.71
CA PRO A 18 -11.69 11.70 22.14
C PRO A 18 -13.20 11.71 22.37
N GLU A 19 -13.67 11.05 23.44
CA GLU A 19 -15.14 10.99 23.64
C GLU A 19 -15.85 10.76 22.28
N ASN A 20 -15.46 9.70 21.57
CA ASN A 20 -16.28 9.13 20.48
C ASN A 20 -16.53 7.66 20.85
N ARG A 21 -17.75 7.39 21.35
CA ARG A 21 -18.27 6.08 21.85
C ARG A 21 -17.88 4.91 20.93
N ILE A 22 -18.26 5.06 19.67
CA ILE A 22 -18.13 3.97 18.67
C ILE A 22 -16.67 3.79 18.25
N TYR A 23 -15.95 4.89 18.01
CA TYR A 23 -14.57 4.79 17.69
C TYR A 23 -13.82 4.11 18.85
N ARG A 24 -14.13 4.54 20.09
CA ARG A 24 -13.50 4.02 21.25
C ARG A 24 -13.75 2.50 21.32
N ARG A 25 -15.00 2.05 21.11
CA ARG A 25 -15.31 0.58 21.21
C ARG A 25 -14.53 -0.21 20.15
N LYS A 26 -14.55 0.26 18.90
CA LYS A 26 -13.85 -0.48 17.80
C LYS A 26 -12.33 -0.46 18.02
N ILE A 27 -11.74 0.65 18.48
CA ILE A 27 -10.30 0.70 18.73
C ILE A 27 -9.93 -0.26 19.89
N GLU A 28 -10.76 -0.30 20.93
CA GLU A 28 -10.57 -1.26 22.04
C GLU A 28 -10.63 -2.71 21.54
N GLU A 29 -11.59 -3.01 20.67
CA GLU A 29 -11.68 -4.35 20.04
C GLU A 29 -10.41 -4.65 19.23
N LEU A 30 -9.94 -3.65 18.45
CA LEU A 30 -8.79 -3.86 17.57
C LEU A 30 -7.53 -4.16 18.40
N SER A 31 -7.43 -3.52 19.56
CA SER A 31 -6.31 -3.67 20.48
C SER A 31 -6.20 -5.10 21.04
N LYS A 32 -7.26 -5.91 20.93
CA LYS A 32 -7.17 -7.30 21.38
C LYS A 32 -6.48 -8.19 20.35
N ARG A 33 -6.36 -7.77 19.06
CA ARG A 33 -5.79 -8.55 18.00
C ARG A 33 -4.46 -7.98 17.50
N PHE A 34 -4.20 -6.68 17.70
CA PHE A 34 -2.98 -6.02 17.20
C PHE A 34 -2.27 -5.31 18.37
N THR A 35 -0.93 -5.27 18.34
CA THR A 35 -0.11 -4.70 19.45
C THR A 35 0.29 -3.23 19.21
N ALA A 36 0.46 -2.85 17.95
CA ALA A 36 1.15 -1.57 17.63
C ALA A 36 0.65 -1.05 16.27
N ILE A 37 0.90 0.25 16.03
CA ILE A 37 0.42 0.99 14.85
C ILE A 37 1.50 2.00 14.41
N ARG A 38 1.62 2.23 13.09
CA ARG A 38 2.33 3.41 12.58
C ARG A 38 1.31 4.29 11.83
N LYS A 39 1.38 5.60 12.07
CA LYS A 39 0.54 6.60 11.36
C LYS A 39 1.24 7.07 10.08
N THR A 40 0.43 7.39 9.06
CA THR A 40 0.87 7.85 7.75
C THR A 40 0.32 9.28 7.51
N LYS A 41 1.05 10.09 6.73
CA LYS A 41 0.53 11.43 6.32
C LYS A 41 -0.66 11.27 5.38
N GLY A 42 -1.76 12.03 5.66
CA GLY A 42 -2.96 12.05 4.82
C GLY A 42 -2.86 13.04 3.68
N ASP A 43 -2.08 12.68 2.63
CA ASP A 43 -1.76 13.60 1.54
C ASP A 43 -2.35 13.08 0.20
N ARG A 44 -3.21 12.05 0.26
CA ARG A 44 -3.77 11.37 -0.92
C ARG A 44 -2.93 10.21 -1.43
N ASN A 45 -1.72 10.02 -0.87
CA ASN A 45 -0.77 8.95 -1.34
C ASN A 45 -0.61 7.82 -0.31
N CYS A 46 -1.37 7.88 0.80
CA CYS A 46 -1.07 7.06 1.95
C CYS A 46 -1.32 5.56 1.70
N PHE A 47 -2.21 5.14 0.79
CA PHE A 47 -2.35 3.68 0.50
C PHE A 47 -1.03 3.13 -0.09
N TYR A 48 -0.55 3.77 -1.17
CA TYR A 48 0.66 3.35 -1.86
C TYR A 48 1.85 3.40 -0.90
N ARG A 49 1.97 4.48 -0.13
CA ARG A 49 3.13 4.68 0.79
C ARG A 49 3.08 3.59 1.90
N ALA A 50 1.91 3.35 2.50
CA ALA A 50 1.73 2.37 3.57
C ALA A 50 1.98 0.94 3.07
N LEU A 51 1.48 0.57 1.88
CA LEU A 51 1.62 -0.80 1.40
C LEU A 51 3.09 -1.07 1.05
N GLY A 52 3.71 -0.09 0.39
CA GLY A 52 5.09 -0.22 -0.01
C GLY A 52 6.04 -0.34 1.18
N TYR A 53 5.87 0.53 2.19
CA TYR A 53 6.69 0.42 3.43
C TYR A 53 6.42 -0.90 4.17
N SER A 54 5.15 -1.24 4.42
CA SER A 54 4.84 -2.41 5.29
C SER A 54 5.27 -3.72 4.62
N TYR A 55 5.12 -3.83 3.29
CA TYR A 55 5.50 -5.09 2.61
C TYR A 55 7.03 -5.25 2.60
N LEU A 56 7.74 -4.19 2.25
CA LEU A 56 9.21 -4.26 2.28
C LEU A 56 9.73 -4.56 3.71
N GLU A 57 9.15 -3.94 4.74
CA GLU A 57 9.51 -4.25 6.16
C GLU A 57 9.35 -5.76 6.46
N SER A 58 8.29 -6.37 5.91
CA SER A 58 7.99 -7.78 6.13
C SER A 58 9.01 -8.71 5.45
N LEU A 59 9.78 -8.21 4.47
CA LEU A 59 10.82 -9.01 3.80
C LEU A 59 12.16 -9.00 4.56
N LEU A 60 12.40 -8.06 5.48
CA LEU A 60 13.74 -7.91 6.11
C LEU A 60 14.19 -9.25 6.71
N GLY A 61 15.43 -9.63 6.35
CA GLY A 61 16.12 -10.89 6.79
C GLY A 61 15.58 -12.20 6.21
N LYS A 62 14.67 -12.15 5.24
CA LYS A 62 14.10 -13.37 4.58
C LYS A 62 14.74 -13.52 3.19
N SER A 63 15.87 -14.24 3.12
CA SER A 63 16.66 -14.34 1.92
C SER A 63 15.92 -14.96 0.71
N ARG A 64 15.08 -16.01 0.90
CA ARG A 64 14.34 -16.58 -0.25
C ARG A 64 13.28 -15.59 -0.75
N GLU A 65 12.53 -14.99 0.17
CA GLU A 65 11.39 -14.14 -0.24
C GLU A 65 11.91 -12.86 -0.90
N ILE A 66 13.11 -12.38 -0.48
CA ILE A 66 13.74 -11.23 -1.13
C ILE A 66 14.12 -11.59 -2.58
N PHE A 67 14.79 -12.73 -2.75
CA PHE A 67 15.18 -13.16 -4.10
C PHE A 67 13.96 -13.25 -5.03
N LYS A 68 12.89 -13.92 -4.61
CA LYS A 68 11.66 -14.05 -5.43
C LYS A 68 11.06 -12.68 -5.78
N PHE A 69 11.04 -11.74 -4.82
CA PHE A 69 10.42 -10.43 -5.06
C PHE A 69 11.26 -9.64 -6.06
N LYS A 70 12.59 -9.67 -5.91
CA LYS A 70 13.50 -9.00 -6.85
C LYS A 70 13.28 -9.53 -8.28
N GLU A 71 13.11 -10.84 -8.41
CA GLU A 71 12.89 -11.45 -9.74
C GLU A 71 11.62 -10.84 -10.37
N ARG A 72 10.57 -10.67 -9.56
CA ARG A 72 9.29 -10.08 -10.10
C ARG A 72 9.51 -8.61 -10.46
N VAL A 73 10.19 -7.87 -9.57
CA VAL A 73 10.40 -6.43 -9.78
C VAL A 73 11.19 -6.26 -11.08
N LEU A 74 12.17 -7.14 -11.36
CA LEU A 74 12.94 -6.99 -12.59
C LEU A 74 12.09 -7.14 -13.86
N GLN A 75 10.95 -7.82 -13.80
CA GLN A 75 10.05 -7.95 -14.96
C GLN A 75 9.12 -6.74 -15.12
N THR A 76 8.91 -5.93 -14.07
CA THR A 76 7.84 -4.88 -14.10
C THR A 76 8.04 -3.86 -15.24
N PRO A 77 9.26 -3.51 -15.73
CA PRO A 77 9.36 -2.68 -16.94
C PRO A 77 8.58 -3.24 -18.15
N ASN A 78 8.51 -4.58 -18.25
CA ASN A 78 7.75 -5.19 -19.36
C ASN A 78 6.24 -4.93 -19.22
N ASP A 79 5.72 -4.97 -17.98
CA ASP A 79 4.30 -4.67 -17.78
C ASP A 79 4.02 -3.22 -18.22
N LEU A 80 4.88 -2.29 -17.80
CA LEU A 80 4.75 -0.81 -18.14
C LEU A 80 4.81 -0.58 -19.66
N LEU A 81 5.75 -1.24 -20.33
CA LEU A 81 5.92 -1.08 -21.77
C LEU A 81 4.68 -1.63 -22.49
N ALA A 82 4.15 -2.78 -22.04
CA ALA A 82 2.96 -3.38 -22.74
C ALA A 82 1.69 -2.48 -22.65
N ALA A 83 1.61 -1.63 -21.62
CA ALA A 83 0.48 -0.74 -21.37
C ALA A 83 0.69 0.62 -22.01
N GLY A 84 1.84 0.81 -22.66
CA GLY A 84 2.12 2.04 -23.46
C GLY A 84 2.97 3.10 -22.77
N PHE A 85 3.49 2.82 -21.56
CA PHE A 85 4.43 3.74 -20.88
C PHE A 85 5.78 3.63 -21.59
N GLU A 86 6.47 4.76 -21.69
CA GLU A 86 7.78 4.85 -22.36
C GLU A 86 8.92 4.72 -21.35
N GLU A 87 9.96 3.95 -21.66
CA GLU A 87 11.04 3.68 -20.72
C GLU A 87 11.68 4.99 -20.24
N HIS A 88 11.91 5.97 -21.12
CA HIS A 88 12.61 7.17 -20.69
C HIS A 88 11.76 7.98 -19.71
N LYS A 89 10.45 7.73 -19.67
CA LYS A 89 9.56 8.43 -18.75
C LYS A 89 9.30 7.66 -17.45
N PHE A 90 9.57 6.35 -17.37
CA PHE A 90 9.37 5.61 -16.10
C PHE A 90 10.68 5.26 -15.39
N ARG A 91 11.80 5.39 -16.09
CA ARG A 91 13.17 5.05 -15.67
C ARG A 91 13.44 5.55 -14.25
N ASN A 92 13.25 6.83 -14.00
CA ASN A 92 13.61 7.41 -12.68
C ASN A 92 12.83 6.75 -11.52
N PHE A 93 11.57 6.37 -11.76
CA PHE A 93 10.67 5.80 -10.73
C PHE A 93 10.99 4.30 -10.50
N PHE A 94 11.19 3.54 -11.61
CA PHE A 94 11.65 2.15 -11.52
C PHE A 94 13.00 2.08 -10.78
N ASN A 95 13.95 2.97 -11.09
CA ASN A 95 15.29 2.92 -10.47
C ASN A 95 15.20 3.17 -8.96
N ALA A 96 14.30 4.06 -8.55
CA ALA A 96 14.08 4.36 -7.14
C ALA A 96 13.51 3.16 -6.39
N PHE A 97 12.57 2.43 -7.04
CA PHE A 97 11.95 1.23 -6.39
C PHE A 97 12.99 0.11 -6.29
N TYR A 98 13.72 -0.15 -7.39
CA TYR A 98 14.77 -1.20 -7.36
C TYR A 98 15.81 -0.89 -6.26
N SER A 99 16.18 0.40 -6.12
CA SER A 99 17.13 0.84 -5.10
C SER A 99 16.69 0.51 -3.67
N VAL A 100 15.43 0.73 -3.32
CA VAL A 100 15.00 0.45 -1.99
C VAL A 100 14.86 -1.07 -1.75
N VAL A 101 14.55 -1.86 -2.79
CA VAL A 101 14.56 -3.30 -2.68
C VAL A 101 15.98 -3.81 -2.35
N GLU A 102 16.99 -3.29 -3.06
CA GLU A 102 18.39 -3.58 -2.77
C GLU A 102 18.77 -3.19 -1.32
N LEU A 103 18.26 -2.06 -0.82
CA LEU A 103 18.51 -1.65 0.57
C LEU A 103 18.00 -2.70 1.56
N VAL A 104 16.78 -3.18 1.33
CA VAL A 104 16.20 -4.29 2.15
C VAL A 104 17.18 -5.48 2.19
N GLU A 105 17.73 -5.82 1.03
CA GLU A 105 18.64 -6.93 0.87
C GLU A 105 19.99 -6.65 1.58
N LYS A 106 20.62 -5.50 1.30
CA LYS A 106 22.03 -5.25 1.69
C LYS A 106 22.12 -4.73 3.13
N ASP A 107 21.22 -3.82 3.50
CA ASP A 107 21.24 -3.17 4.80
C ASP A 107 20.45 -4.00 5.81
N GLY A 108 19.19 -4.31 5.48
CA GLY A 108 18.39 -5.20 6.31
C GLY A 108 17.87 -4.61 7.61
N SER A 109 17.96 -3.28 7.80
CA SER A 109 17.45 -2.66 9.03
C SER A 109 16.10 -1.95 8.82
N VAL A 110 15.25 -1.97 9.87
CA VAL A 110 14.03 -1.15 9.94
C VAL A 110 14.44 0.35 9.82
N SER A 111 15.49 0.76 10.55
N SER A 111 15.50 0.75 10.55
CA SER A 111 15.78 2.21 10.62
CA SER A 111 15.85 2.16 10.63
C SER A 111 16.15 2.77 9.24
C SER A 111 16.16 2.75 9.26
N SER A 112 16.93 2.04 8.43
CA SER A 112 17.34 2.51 7.07
C SER A 112 16.11 2.63 6.14
N LEU A 113 15.24 1.63 6.24
CA LEU A 113 14.03 1.58 5.39
C LEU A 113 13.08 2.73 5.78
N LEU A 114 12.90 2.97 7.08
CA LEU A 114 12.04 4.07 7.53
C LEU A 114 12.63 5.41 7.11
N LYS A 115 13.98 5.56 7.10
CA LYS A 115 14.61 6.82 6.63
C LYS A 115 14.30 7.06 5.15
N VAL A 116 14.38 6.03 4.30
CA VAL A 116 14.02 6.22 2.86
C VAL A 116 12.53 6.65 2.72
N PHE A 117 11.61 6.00 3.45
CA PHE A 117 10.18 6.29 3.26
C PHE A 117 9.79 7.63 3.89
N ASN A 118 10.65 8.23 4.73
CA ASN A 118 10.45 9.60 5.26
C ASN A 118 11.26 10.66 4.50
N ASP A 119 12.11 10.29 3.52
CA ASP A 119 12.75 11.21 2.60
C ASP A 119 11.72 11.58 1.53
N GLN A 120 11.36 12.85 1.43
CA GLN A 120 10.19 13.23 0.59
C GLN A 120 10.45 12.82 -0.86
N SER A 121 11.68 13.04 -1.33
CA SER A 121 12.05 12.72 -2.73
C SER A 121 12.05 11.20 -3.00
N ALA A 122 12.78 10.42 -2.22
CA ALA A 122 12.83 8.97 -2.47
C ALA A 122 11.40 8.40 -2.36
N SER A 123 10.71 8.76 -1.25
CA SER A 123 9.37 8.19 -0.91
C SER A 123 8.36 8.51 -2.04
N ASP A 124 8.35 9.76 -2.53
CA ASP A 124 7.47 10.14 -3.62
C ASP A 124 7.84 9.46 -4.94
N HIS A 125 9.13 9.20 -5.22
CA HIS A 125 9.49 8.47 -6.43
C HIS A 125 8.95 7.01 -6.33
N ILE A 126 9.04 6.42 -5.13
CA ILE A 126 8.52 5.06 -4.86
C ILE A 126 7.00 5.05 -5.09
N VAL A 127 6.28 6.01 -4.51
CA VAL A 127 4.83 6.09 -4.69
C VAL A 127 4.50 6.21 -6.19
N GLN A 128 5.19 7.09 -6.92
CA GLN A 128 4.85 7.30 -8.34
C GLN A 128 5.04 5.99 -9.12
N PHE A 129 6.13 5.23 -8.83
CA PHE A 129 6.39 3.90 -9.45
C PHE A 129 5.20 3.00 -9.19
N LEU A 130 4.76 2.90 -7.92
CA LEU A 130 3.65 2.00 -7.57
C LEU A 130 2.35 2.40 -8.28
N ARG A 131 2.12 3.72 -8.46
CA ARG A 131 0.94 4.21 -9.20
C ARG A 131 1.03 3.82 -10.69
N LEU A 132 2.22 3.95 -11.30
CA LEU A 132 2.33 3.59 -12.75
C LEU A 132 2.11 2.08 -12.94
N LEU A 133 2.67 1.28 -12.02
CA LEU A 133 2.49 -0.19 -12.09
C LEU A 133 1.02 -0.59 -11.93
N THR A 134 0.29 0.07 -11.03
CA THR A 134 -1.14 -0.18 -10.78
C THR A 134 -1.95 0.12 -12.06
N SER A 135 -1.66 1.27 -12.69
CA SER A 135 -2.30 1.67 -13.96
C SER A 135 -2.00 0.65 -15.08
N ALA A 136 -0.74 0.22 -15.21
CA ALA A 136 -0.34 -0.76 -16.23
C ALA A 136 -1.11 -2.08 -16.05
N PHE A 137 -1.20 -2.54 -14.81
CA PHE A 137 -1.79 -3.84 -14.55
C PHE A 137 -3.28 -3.83 -14.87
N ILE A 138 -3.98 -2.73 -14.53
CA ILE A 138 -5.42 -2.54 -14.88
C ILE A 138 -5.59 -2.48 -16.41
N ARG A 139 -4.79 -1.65 -17.08
CA ARG A 139 -4.89 -1.46 -18.53
C ARG A 139 -4.70 -2.78 -19.27
N ASN A 140 -3.70 -3.57 -18.85
CA ASN A 140 -3.33 -4.81 -19.54
C ASN A 140 -4.37 -5.89 -19.30
N ARG A 141 -5.20 -5.73 -18.27
CA ARG A 141 -6.27 -6.69 -17.91
C ARG A 141 -7.62 -5.98 -17.89
N ALA A 142 -7.87 -5.12 -18.87
CA ALA A 142 -9.10 -4.31 -18.84
C ALA A 142 -10.35 -5.20 -18.80
N ASP A 143 -10.36 -6.33 -19.52
CA ASP A 143 -11.61 -7.18 -19.57
C ASP A 143 -11.91 -7.79 -18.20
N PHE A 144 -10.86 -8.20 -17.46
CA PHE A 144 -10.99 -8.72 -16.09
C PHE A 144 -11.66 -7.69 -15.18
N PHE A 145 -11.19 -6.43 -15.22
CA PHE A 145 -11.74 -5.44 -14.32
C PHE A 145 -13.20 -5.13 -14.74
N ARG A 146 -13.46 -5.03 -16.05
CA ARG A 146 -14.87 -4.78 -16.48
C ARG A 146 -15.76 -5.97 -16.03
N HIS A 147 -15.30 -7.21 -16.22
CA HIS A 147 -16.12 -8.41 -15.96
C HIS A 147 -16.44 -8.52 -14.47
N PHE A 148 -15.49 -8.26 -13.58
CA PHE A 148 -15.64 -8.59 -12.17
C PHE A 148 -15.93 -7.34 -11.33
N ILE A 149 -15.53 -6.14 -11.77
CA ILE A 149 -15.68 -4.89 -10.95
C ILE A 149 -16.88 -4.10 -11.46
N ASP A 150 -16.88 -3.69 -12.72
CA ASP A 150 -17.91 -2.71 -13.15
C ASP A 150 -17.96 -2.66 -14.69
N GLU A 151 -18.99 -3.29 -15.24
CA GLU A 151 -19.11 -3.48 -16.70
C GLU A 151 -19.19 -2.13 -17.43
N GLU A 152 -19.61 -1.05 -16.72
CA GLU A 152 -19.90 0.27 -17.34
C GLU A 152 -18.69 1.23 -17.26
N MET A 153 -17.62 0.88 -16.52
CA MET A 153 -16.55 1.86 -16.26
C MET A 153 -15.67 2.04 -17.51
N ASP A 154 -15.18 3.26 -17.66
CA ASP A 154 -14.18 3.61 -18.65
C ASP A 154 -12.73 3.40 -18.13
N ILE A 155 -12.04 2.31 -18.52
CA ILE A 155 -10.78 1.89 -17.89
C ILE A 155 -9.66 2.91 -18.15
N LYS A 156 -9.44 3.34 -19.39
CA LYS A 156 -8.39 4.32 -19.73
C LYS A 156 -8.55 5.68 -18.99
N ASP A 157 -9.78 6.20 -18.95
CA ASP A 157 -10.06 7.49 -18.25
C ASP A 157 -9.88 7.32 -16.72
N PHE A 158 -10.31 6.18 -16.17
CA PHE A 158 -10.14 5.95 -14.71
C PHE A 158 -8.62 5.91 -14.36
N CYS A 159 -7.83 5.27 -15.19
CA CYS A 159 -6.40 5.14 -14.92
C CYS A 159 -5.68 6.51 -15.06
N THR A 160 -6.04 7.28 -16.08
CA THR A 160 -5.52 8.61 -16.34
C THR A 160 -5.80 9.55 -15.16
N HIS A 161 -7.00 9.48 -14.58
CA HIS A 161 -7.52 10.50 -13.66
C HIS A 161 -7.40 10.08 -12.19
N GLU A 162 -7.49 8.76 -11.88
CA GLU A 162 -7.67 8.29 -10.51
C GLU A 162 -6.56 7.32 -10.03
N VAL A 163 -5.59 6.99 -10.88
CA VAL A 163 -4.46 6.07 -10.54
C VAL A 163 -3.09 6.75 -10.74
N GLU A 164 -2.79 7.23 -11.97
CA GLU A 164 -1.47 7.77 -12.31
C GLU A 164 -1.13 9.05 -11.51
N PRO A 165 -2.02 10.05 -11.35
CA PRO A 165 -1.58 11.32 -10.75
C PRO A 165 -1.31 11.20 -9.25
N MET A 166 -0.22 11.81 -8.78
CA MET A 166 0.04 11.92 -7.34
C MET A 166 -1.18 12.57 -6.68
N ALA A 167 -1.42 12.13 -5.44
CA ALA A 167 -2.39 12.66 -4.49
C ALA A 167 -3.82 12.28 -4.86
N THR A 168 -4.05 11.31 -5.78
CA THR A 168 -5.41 10.81 -6.04
C THR A 168 -5.74 9.64 -5.12
N GLU A 169 -6.90 9.73 -4.46
CA GLU A 169 -7.39 8.73 -3.54
C GLU A 169 -7.76 7.44 -4.31
N CYS A 170 -7.59 6.32 -3.60
N CYS A 170 -7.58 6.30 -3.66
CA CYS A 170 -7.84 4.95 -4.02
CA CYS A 170 -7.88 5.02 -4.25
C CYS A 170 -9.27 4.52 -3.71
C CYS A 170 -9.19 4.46 -3.67
N ASP A 171 -9.67 3.41 -4.35
CA ASP A 171 -10.85 2.66 -4.00
C ASP A 171 -10.44 1.19 -4.07
N HIS A 172 -11.42 0.27 -4.07
CA HIS A 172 -11.20 -1.19 -4.04
C HIS A 172 -10.38 -1.66 -5.26
N ILE A 173 -10.61 -1.10 -6.44
CA ILE A 173 -9.97 -1.57 -7.67
C ILE A 173 -8.45 -1.39 -7.58
N GLN A 174 -7.97 -0.22 -7.10
CA GLN A 174 -6.52 0.00 -7.05
C GLN A 174 -5.89 -0.96 -6.04
N ILE A 175 -6.58 -1.24 -4.92
CA ILE A 175 -6.02 -2.19 -3.91
C ILE A 175 -5.87 -3.58 -4.52
N THR A 176 -6.94 -4.10 -5.16
CA THR A 176 -6.88 -5.41 -5.80
C THR A 176 -5.76 -5.48 -6.85
N ALA A 177 -5.70 -4.46 -7.71
CA ALA A 177 -4.72 -4.42 -8.82
C ALA A 177 -3.27 -4.41 -8.30
N LEU A 178 -2.92 -3.59 -7.30
CA LEU A 178 -1.51 -3.52 -6.85
C LEU A 178 -1.16 -4.82 -6.09
N SER A 179 -2.09 -5.35 -5.26
CA SER A 179 -1.93 -6.68 -4.61
C SER A 179 -1.56 -7.76 -5.66
N GLN A 180 -2.31 -7.82 -6.75
CA GLN A 180 -2.09 -8.81 -7.83
C GLN A 180 -0.77 -8.54 -8.58
N ALA A 181 -0.51 -7.27 -8.89
CA ALA A 181 0.67 -6.88 -9.68
C ALA A 181 1.99 -7.27 -8.96
N LEU A 182 2.02 -7.23 -7.62
CA LEU A 182 3.27 -7.54 -6.86
C LEU A 182 3.17 -8.82 -5.99
N SER A 183 2.07 -9.56 -6.14
CA SER A 183 1.70 -10.77 -5.36
C SER A 183 1.83 -10.51 -3.86
N ILE A 184 1.28 -9.37 -3.40
CA ILE A 184 1.29 -8.96 -1.96
C ILE A 184 -0.08 -9.30 -1.36
N ALA A 185 -0.12 -10.19 -0.36
CA ALA A 185 -1.37 -10.50 0.35
C ALA A 185 -1.55 -9.52 1.51
N LEU A 186 -2.70 -8.85 1.55
CA LEU A 186 -2.95 -7.83 2.57
C LEU A 186 -4.37 -7.96 3.14
N GLN A 187 -4.52 -7.58 4.40
CA GLN A 187 -5.80 -7.53 5.10
C GLN A 187 -6.07 -6.07 5.49
N VAL A 188 -7.25 -5.56 5.16
CA VAL A 188 -7.72 -4.24 5.56
C VAL A 188 -8.81 -4.40 6.64
N GLU A 189 -8.58 -3.77 7.80
CA GLU A 189 -9.55 -3.58 8.89
C GLU A 189 -10.29 -2.27 8.71
N TYR A 190 -11.62 -2.31 8.73
CA TYR A 190 -12.48 -1.12 8.51
C TYR A 190 -13.07 -0.60 9.82
N VAL A 191 -12.79 0.70 10.09
CA VAL A 191 -13.26 1.40 11.28
C VAL A 191 -14.01 2.66 10.84
N ASP A 192 -15.35 2.60 10.85
CA ASP A 192 -16.15 3.81 10.58
C ASP A 192 -16.92 4.17 11.85
N GLU A 193 -17.74 5.22 11.79
CA GLU A 193 -18.45 5.73 12.97
C GLU A 193 -19.89 5.19 13.05
N MET A 194 -20.20 4.09 12.36
CA MET A 194 -21.50 3.47 12.41
C MET A 194 -21.48 2.35 13.47
N ASP A 195 -22.64 2.08 14.11
CA ASP A 195 -22.69 1.18 15.27
C ASP A 195 -22.81 -0.28 14.79
N THR A 196 -21.73 -0.72 14.16
CA THR A 196 -21.62 -1.96 13.34
C THR A 196 -20.40 -2.75 13.82
N ALA A 197 -20.19 -3.94 13.26
CA ALA A 197 -19.02 -4.77 13.62
C ALA A 197 -17.74 -4.19 13.01
N LEU A 198 -16.67 -4.18 13.82
CA LEU A 198 -15.30 -4.13 13.26
C LEU A 198 -15.12 -5.34 12.33
N ASN A 199 -14.72 -5.08 11.08
CA ASN A 199 -14.70 -6.11 10.03
C ASN A 199 -13.47 -5.93 9.14
N HIS A 200 -13.09 -7.00 8.40
CA HIS A 200 -11.92 -6.91 7.48
C HIS A 200 -12.18 -7.62 6.14
N HIS A 201 -11.37 -7.27 5.14
CA HIS A 201 -11.35 -7.92 3.82
C HIS A 201 -9.91 -8.34 3.53
N VAL A 202 -9.71 -9.51 2.90
CA VAL A 202 -8.37 -10.01 2.54
C VAL A 202 -8.24 -9.98 1.00
N PHE A 203 -7.04 -9.59 0.54
CA PHE A 203 -6.70 -9.42 -0.88
C PHE A 203 -5.46 -10.26 -1.14
N PRO A 204 -5.56 -11.39 -1.86
CA PRO A 204 -6.78 -12.01 -2.37
C PRO A 204 -7.47 -12.89 -1.32
N GLU A 205 -8.66 -13.39 -1.66
CA GLU A 205 -9.60 -14.09 -0.71
C GLU A 205 -8.89 -15.21 0.07
N ALA A 206 -8.05 -15.97 -0.61
CA ALA A 206 -7.46 -17.15 0.01
C ALA A 206 -6.64 -16.82 1.28
N ALA A 207 -5.95 -15.67 1.28
CA ALA A 207 -4.48 -15.65 1.53
C ALA A 207 -4.10 -15.46 3.01
N THR A 208 -2.88 -15.89 3.37
CA THR A 208 -2.23 -15.50 4.61
C THR A 208 -1.60 -14.12 4.38
N PRO A 209 -2.05 -13.08 5.10
CA PRO A 209 -1.54 -11.73 4.84
C PRO A 209 -0.08 -11.56 5.26
N SER A 210 0.64 -10.70 4.53
CA SER A 210 1.94 -10.09 4.89
C SER A 210 1.76 -8.76 5.64
N VAL A 211 0.72 -8.01 5.26
CA VAL A 211 0.50 -6.63 5.60
C VAL A 211 -0.91 -6.54 6.18
N TYR A 212 -1.07 -5.76 7.25
CA TYR A 212 -2.35 -5.36 7.81
C TYR A 212 -2.48 -3.83 7.81
N LEU A 213 -3.59 -3.29 7.30
CA LEU A 213 -3.83 -1.83 7.23
C LEU A 213 -5.14 -1.51 7.96
N LEU A 214 -5.15 -0.35 8.66
CA LEU A 214 -6.38 0.15 9.26
C LEU A 214 -6.95 1.27 8.37
N TYR A 215 -8.19 1.10 7.88
CA TYR A 215 -8.85 2.14 7.08
C TYR A 215 -9.93 2.88 7.89
N LYS A 216 -9.80 4.21 7.93
CA LYS A 216 -10.47 5.06 8.90
C LYS A 216 -10.35 6.49 8.36
N THR A 217 -11.38 6.95 7.65
CA THR A 217 -11.55 8.37 7.28
C THR A 217 -10.76 8.64 5.99
N SER A 218 -11.06 7.89 4.91
CA SER A 218 -10.30 7.83 3.64
C SER A 218 -8.77 7.62 3.85
N HIS A 219 -8.39 7.12 5.01
CA HIS A 219 -7.00 7.08 5.42
C HIS A 219 -6.53 5.65 5.83
N TYR A 220 -5.27 5.31 5.54
CA TYR A 220 -4.70 3.94 5.80
C TYR A 220 -3.49 4.08 6.73
N ASN A 221 -3.56 3.45 7.90
CA ASN A 221 -2.45 3.32 8.86
C ASN A 221 -1.99 1.84 8.94
N ILE A 222 -0.78 1.60 9.44
CA ILE A 222 -0.17 0.26 9.43
C ILE A 222 -0.37 -0.44 10.79
N LEU A 223 -0.89 -1.67 10.79
CA LEU A 223 -1.08 -2.47 12.03
C LEU A 223 -0.03 -3.58 12.13
N TYR A 224 0.28 -3.96 13.39
CA TYR A 224 1.19 -5.07 13.73
C TYR A 224 0.44 -6.12 14.56
N ALA A 225 0.44 -7.36 14.04
CA ALA A 225 -0.29 -8.50 14.67
C ALA A 225 0.39 -8.90 15.97
#